data_6NJA
#
_entry.id   6NJA
#
_cell.length_a   71.703
_cell.length_b   70.816
_cell.length_c   78.869
_cell.angle_alpha   90.00
_cell.angle_beta   102.05
_cell.angle_gamma   90.00
#
_symmetry.space_group_name_H-M   'C 1 2 1'
#
loop_
_entity.id
_entity.type
_entity.pdbx_description
1 polymer 'Proto-oncogene tyrosine-protein kinase receptor Ret'
2 non-polymer ADENINE
3 non-polymer 'FORMIC ACID'
4 water water
#
_entity_poly.entity_id   1
_entity_poly.type   'polypeptide(L)'
_entity_poly.pdbx_seq_one_letter_code
;GPLSLSVDAFKILEDPKWEFPRKNLVLGKTLGEGEFGKVVKATAFHLKGRAGYTTVAVKMLKENASPSELRDLLSEFNVL
KQVNHPHVIKLYGACSQDGPLLLIVEYAKYGSLRGFLRESRKVGPGYLGSGGSRNSSSLDHPDERALTMGDLISFAWQIS
QGMQYLAEMKLVHRDLAARNILVAEGRKMKISDFGLSRDV(PTR)EEDS(PTR)VKRSQGRIPVKWMAIESLFDHIYTTQ
SDVWSFGVLLWEIVTLGGNPYPGIPPERLFNLLKTGHRMERPDNCSEEMYRLMLQCWKQEPDKRPVFADISKDLEKMMVK
RR
;
_entity_poly.pdbx_strand_id   A
#
loop_
_chem_comp.id
_chem_comp.type
_chem_comp.name
_chem_comp.formula
ADE non-polymer ADENINE 'C5 H5 N5'
FMT non-polymer 'FORMIC ACID' 'C H2 O2'
#
# COMPACT_ATOMS: atom_id res chain seq x y z
N GLY A 1 2.03 -28.88 2.25
CA GLY A 1 1.61 -27.83 3.21
C GLY A 1 0.68 -26.81 2.56
N PRO A 2 0.31 -25.72 3.29
CA PRO A 2 -0.56 -24.68 2.71
C PRO A 2 -0.08 -24.13 1.36
N LEU A 3 1.22 -23.90 1.22
CA LEU A 3 1.72 -23.32 -0.02
C LEU A 3 1.63 -24.34 -1.16
N SER A 4 2.04 -25.59 -0.90
CA SER A 4 2.02 -26.60 -1.96
C SER A 4 0.59 -26.78 -2.47
N LEU A 5 -0.40 -26.67 -1.57
CA LEU A 5 -1.80 -26.77 -1.96
C LEU A 5 -2.17 -25.61 -2.88
N SER A 6 -1.75 -24.39 -2.50
CA SER A 6 -2.04 -23.18 -3.27
C SER A 6 -1.41 -23.24 -4.64
N VAL A 7 -0.19 -23.77 -4.73
CA VAL A 7 0.53 -23.72 -6.00
C VAL A 7 -0.12 -24.73 -6.96
N ASP A 8 -0.41 -25.92 -6.44
CA ASP A 8 -1.04 -26.94 -7.28
C ASP A 8 -2.37 -26.42 -7.81
N ALA A 9 -3.18 -25.85 -6.90
CA ALA A 9 -4.53 -25.41 -7.23
C ALA A 9 -4.44 -24.31 -8.30
N PHE A 10 -3.46 -23.43 -8.11
CA PHE A 10 -3.22 -22.33 -9.02
C PHE A 10 -2.87 -22.88 -10.41
N LYS A 11 -1.95 -23.84 -10.47
CA LYS A 11 -1.42 -24.41 -11.70
C LYS A 11 -2.48 -25.18 -12.49
N ILE A 12 -3.56 -25.63 -11.83
CA ILE A 12 -4.62 -26.32 -12.54
C ILE A 12 -5.76 -25.36 -12.88
N LEU A 13 -5.93 -24.27 -12.11
CA LEU A 13 -7.08 -23.40 -12.30
C LEU A 13 -7.06 -22.78 -13.70
N GLU A 14 -8.01 -23.22 -14.54
CA GLU A 14 -8.22 -22.73 -15.89
C GLU A 14 -8.86 -21.35 -15.79
N ASP A 15 -8.06 -20.30 -16.02
CA ASP A 15 -8.40 -18.98 -15.53
C ASP A 15 -8.44 -17.99 -16.69
N PRO A 16 -9.36 -18.14 -17.66
CA PRO A 16 -9.22 -17.48 -18.96
C PRO A 16 -9.34 -15.97 -18.77
N LYS A 17 -10.04 -15.58 -17.72
CA LYS A 17 -10.27 -14.14 -17.47
C LYS A 17 -8.96 -13.42 -17.13
N TRP A 18 -8.02 -14.08 -16.47
CA TRP A 18 -6.82 -13.37 -16.04
C TRP A 18 -5.55 -13.85 -16.77
N GLU A 19 -5.61 -15.00 -17.45
CA GLU A 19 -4.38 -15.54 -18.02
C GLU A 19 -4.02 -14.75 -19.29
N PHE A 20 -2.73 -14.38 -19.44
CA PHE A 20 -2.28 -13.58 -20.58
C PHE A 20 -1.14 -14.29 -21.30
N PRO A 21 -1.12 -14.34 -22.66
CA PRO A 21 -0.07 -15.08 -23.37
C PRO A 21 1.32 -14.48 -23.13
N ARG A 22 2.25 -15.28 -22.58
CA ARG A 22 3.60 -14.82 -22.26
C ARG A 22 4.24 -14.17 -23.49
N LYS A 23 3.90 -14.68 -24.67
CA LYS A 23 4.56 -14.23 -25.89
C LYS A 23 4.12 -12.81 -26.27
N ASN A 24 3.06 -12.29 -25.64
CA ASN A 24 2.56 -10.97 -25.93
C ASN A 24 3.07 -9.94 -24.93
N LEU A 25 3.99 -10.35 -24.04
CA LEU A 25 4.50 -9.47 -22.99
C LEU A 25 5.99 -9.27 -23.19
N VAL A 26 6.45 -8.02 -23.12
CA VAL A 26 7.88 -7.79 -23.30
C VAL A 26 8.34 -7.00 -22.09
N LEU A 27 9.31 -7.54 -21.32
CA LEU A 27 9.73 -6.89 -20.07
C LEU A 27 10.88 -5.93 -20.34
N GLY A 28 10.99 -4.87 -19.53
CA GLY A 28 12.01 -3.85 -19.69
C GLY A 28 12.72 -3.60 -18.36
N LYS A 29 12.95 -2.32 -18.04
CA LYS A 29 13.82 -1.95 -16.94
C LYS A 29 13.15 -2.21 -15.58
N THR A 30 13.99 -2.38 -14.58
CA THR A 30 13.48 -2.62 -13.21
C THR A 30 12.94 -1.29 -12.68
N LEU A 31 11.75 -1.30 -12.10
CA LEU A 31 11.18 -0.06 -11.52
C LEU A 31 11.45 -0.07 -10.02
N GLY A 32 11.61 -1.27 -9.46
CA GLY A 32 11.88 -1.37 -8.03
C GLY A 32 11.88 -2.79 -7.52
N GLU A 33 12.36 -2.93 -6.29
CA GLU A 33 12.45 -4.24 -5.63
C GLU A 33 11.86 -4.11 -4.24
N GLY A 34 10.72 -4.75 -4.03
CA GLY A 34 10.07 -4.86 -2.71
C GLY A 34 10.68 -6.01 -1.95
N GLU A 35 10.32 -6.20 -0.69
CA GLU A 35 10.97 -7.33 0.02
C GLU A 35 10.38 -8.66 -0.46
N PHE A 36 9.14 -8.68 -0.98
CA PHE A 36 8.60 -9.93 -1.56
C PHE A 36 9.02 -10.06 -3.03
N GLY A 37 9.13 -8.97 -3.78
CA GLY A 37 9.49 -9.18 -5.19
C GLY A 37 9.98 -7.95 -5.94
N LYS A 38 10.09 -8.08 -7.24
CA LYS A 38 10.58 -6.95 -8.05
C LYS A 38 9.52 -6.56 -9.07
N VAL A 39 9.55 -5.31 -9.49
CA VAL A 39 8.58 -4.77 -10.47
C VAL A 39 9.40 -4.25 -11.65
N VAL A 40 9.02 -4.64 -12.86
CA VAL A 40 9.72 -4.14 -14.07
C VAL A 40 8.70 -3.45 -14.97
N LYS A 41 9.17 -2.50 -15.76
CA LYS A 41 8.33 -1.84 -16.75
C LYS A 41 8.16 -2.81 -17.90
N ALA A 42 6.96 -2.83 -18.50
CA ALA A 42 6.73 -3.77 -19.57
C ALA A 42 5.77 -3.21 -20.61
N THR A 43 5.54 -3.99 -21.68
CA THR A 43 4.53 -3.63 -22.66
C THR A 43 3.80 -4.91 -23.04
N ALA A 44 2.47 -4.83 -23.19
CA ALA A 44 1.66 -6.00 -23.43
C ALA A 44 0.86 -5.77 -24.71
N PHE A 45 0.91 -6.74 -25.64
CA PHE A 45 0.21 -6.60 -26.91
C PHE A 45 -1.19 -7.22 -26.79
N HIS A 46 -2.20 -6.45 -27.18
CA HIS A 46 -3.58 -6.89 -27.20
C HIS A 46 -4.04 -7.29 -25.79
N LEU A 47 -3.89 -6.38 -24.84
CA LEU A 47 -4.20 -6.63 -23.45
C LEU A 47 -5.66 -6.28 -23.18
N LYS A 48 -6.46 -7.27 -22.78
CA LYS A 48 -7.82 -7.04 -22.33
C LYS A 48 -8.56 -6.11 -23.30
N GLY A 49 -8.55 -6.44 -24.59
CA GLY A 49 -9.38 -5.67 -25.51
C GLY A 49 -8.72 -4.45 -26.15
N ARG A 50 -7.60 -3.94 -25.62
CA ARG A 50 -6.99 -2.73 -26.19
C ARG A 50 -6.08 -3.11 -27.35
N ALA A 51 -6.36 -2.55 -28.55
CA ALA A 51 -5.57 -2.86 -29.73
C ALA A 51 -4.16 -2.28 -29.57
N GLY A 52 -3.14 -3.05 -29.97
CA GLY A 52 -1.77 -2.56 -29.95
C GLY A 52 -1.08 -2.82 -28.60
N TYR A 53 0.01 -2.07 -28.32
CA TYR A 53 0.75 -2.30 -27.08
C TYR A 53 0.22 -1.38 -25.99
N THR A 54 0.15 -1.88 -24.76
CA THR A 54 -0.14 -1.05 -23.61
C THR A 54 1.04 -1.20 -22.65
N THR A 55 1.53 -0.06 -22.16
CA THR A 55 2.63 -0.08 -21.20
C THR A 55 2.03 -0.49 -19.86
N VAL A 56 2.68 -1.43 -19.18
CA VAL A 56 2.22 -1.92 -17.90
C VAL A 56 3.40 -2.08 -16.95
N ALA A 57 3.10 -2.47 -15.71
CA ALA A 57 4.15 -2.95 -14.83
C ALA A 57 3.92 -4.44 -14.57
N VAL A 58 5.02 -5.16 -14.31
CA VAL A 58 5.00 -6.58 -14.08
C VAL A 58 5.69 -6.87 -12.75
N LYS A 59 4.98 -7.56 -11.85
CA LYS A 59 5.49 -8.02 -10.57
C LYS A 59 5.89 -9.49 -10.67
N MET A 60 7.09 -9.78 -10.18
CA MET A 60 7.59 -11.13 -10.24
C MET A 60 8.45 -11.41 -9.01
N LEU A 61 8.85 -12.68 -8.85
CA LEU A 61 9.69 -13.09 -7.74
C LEU A 61 11.13 -12.63 -8.02
N LYS A 62 11.81 -12.19 -6.95
CA LYS A 62 13.25 -11.99 -6.98
C LYS A 62 13.94 -13.34 -7.14
N GLU A 63 15.23 -13.28 -7.48
CA GLU A 63 16.10 -14.45 -7.48
C GLU A 63 16.10 -15.08 -6.09
N ASN A 64 16.13 -16.41 -6.07
CA ASN A 64 16.23 -17.14 -4.82
C ASN A 64 15.05 -16.84 -3.91
N ALA A 65 13.83 -16.81 -4.49
CA ALA A 65 12.63 -16.55 -3.71
C ALA A 65 12.44 -17.64 -2.66
N SER A 66 11.86 -17.24 -1.52
CA SER A 66 11.53 -18.17 -0.46
C SER A 66 10.04 -18.52 -0.56
N PRO A 67 9.56 -19.51 0.22
CA PRO A 67 8.13 -19.84 0.27
C PRO A 67 7.28 -18.64 0.69
N SER A 68 7.83 -17.83 1.58
CA SER A 68 7.17 -16.61 2.07
C SER A 68 6.86 -15.67 0.90
N GLU A 69 7.84 -15.44 0.04
CA GLU A 69 7.71 -14.54 -1.10
C GLU A 69 6.74 -15.09 -2.14
N LEU A 70 6.84 -16.40 -2.40
CA LEU A 70 5.91 -17.04 -3.33
C LEU A 70 4.47 -16.95 -2.82
N ARG A 71 4.30 -17.20 -1.53
CA ARG A 71 2.96 -17.12 -0.90
C ARG A 71 2.41 -15.70 -1.07
N ASP A 72 3.24 -14.69 -0.83
CA ASP A 72 2.82 -13.31 -0.91
C ASP A 72 2.43 -12.93 -2.35
N LEU A 73 3.16 -13.43 -3.35
CA LEU A 73 2.80 -13.11 -4.74
C LEU A 73 1.48 -13.76 -5.09
N LEU A 74 1.25 -14.99 -4.62
CA LEU A 74 0.02 -15.67 -4.97
C LEU A 74 -1.15 -14.97 -4.30
N SER A 75 -0.89 -14.50 -3.07
CA SER A 75 -1.90 -13.81 -2.30
C SER A 75 -2.25 -12.47 -2.94
N GLU A 76 -1.25 -11.71 -3.36
CA GLU A 76 -1.49 -10.43 -3.99
C GLU A 76 -2.36 -10.63 -5.23
N PHE A 77 -2.08 -11.69 -5.99
CA PHE A 77 -2.83 -11.96 -7.20
C PHE A 77 -4.29 -12.19 -6.83
N ASN A 78 -4.53 -13.06 -5.85
CA ASN A 78 -5.88 -13.40 -5.40
C ASN A 78 -6.64 -12.17 -4.88
N VAL A 79 -5.98 -11.26 -4.17
CA VAL A 79 -6.63 -10.07 -3.66
C VAL A 79 -6.97 -9.13 -4.82
N LEU A 80 -6.01 -8.94 -5.73
CA LEU A 80 -6.14 -7.89 -6.74
C LEU A 80 -7.23 -8.28 -7.74
N LYS A 81 -7.51 -9.57 -7.84
CA LYS A 81 -8.60 -10.01 -8.73
C LYS A 81 -9.95 -9.51 -8.18
N GLN A 82 -10.07 -9.26 -6.89
CA GLN A 82 -11.40 -8.89 -6.33
C GLN A 82 -11.56 -7.39 -6.10
N VAL A 83 -10.54 -6.60 -6.35
CA VAL A 83 -10.68 -5.17 -6.03
C VAL A 83 -10.72 -4.31 -7.29
N ASN A 84 -11.51 -3.26 -7.24
CA ASN A 84 -11.68 -2.33 -8.38
C ASN A 84 -12.00 -0.96 -7.80
N HIS A 85 -11.03 -0.07 -7.81
CA HIS A 85 -11.23 1.29 -7.28
C HIS A 85 -10.22 2.21 -7.94
N PRO A 86 -10.61 3.44 -8.30
CA PRO A 86 -9.71 4.38 -8.97
C PRO A 86 -8.41 4.69 -8.23
N HIS A 87 -8.37 4.45 -6.91
CA HIS A 87 -7.17 4.70 -6.12
C HIS A 87 -6.55 3.40 -5.58
N VAL A 88 -6.88 2.28 -6.21
CA VAL A 88 -6.18 1.02 -6.00
C VAL A 88 -5.57 0.58 -7.33
N ILE A 89 -4.32 0.15 -7.31
CA ILE A 89 -3.64 -0.33 -8.51
C ILE A 89 -4.46 -1.45 -9.18
N LYS A 90 -4.60 -1.38 -10.51
CA LYS A 90 -5.47 -2.28 -11.25
C LYS A 90 -4.67 -3.49 -11.75
N LEU A 91 -5.29 -4.65 -11.62
CA LEU A 91 -4.74 -5.89 -12.15
C LEU A 91 -5.28 -6.10 -13.56
N TYR A 92 -4.39 -6.49 -14.47
CA TYR A 92 -4.75 -6.79 -15.85
C TYR A 92 -4.71 -8.28 -16.15
N GLY A 93 -3.80 -9.00 -15.52
CA GLY A 93 -3.67 -10.42 -15.83
C GLY A 93 -2.40 -11.01 -15.24
N ALA A 94 -2.10 -12.24 -15.64
CA ALA A 94 -0.94 -12.96 -15.13
C ALA A 94 -0.45 -13.91 -16.19
N CYS A 95 0.85 -14.22 -16.15
CA CYS A 95 1.40 -15.31 -16.94
C CYS A 95 1.85 -16.40 -15.97
N SER A 96 1.24 -17.60 -16.08
CA SER A 96 1.45 -18.62 -15.07
C SER A 96 1.84 -19.99 -15.66
N GLN A 97 1.90 -20.08 -16.99
CA GLN A 97 1.79 -21.37 -17.67
C GLN A 97 3.16 -21.96 -17.99
N ASP A 98 4.04 -21.19 -18.63
CA ASP A 98 5.24 -21.80 -19.19
C ASP A 98 6.49 -21.02 -18.79
N GLY A 99 6.48 -20.48 -17.58
CA GLY A 99 7.59 -19.72 -17.08
C GLY A 99 7.29 -19.21 -15.69
N PRO A 100 8.12 -18.30 -15.15
CA PRO A 100 7.91 -17.77 -13.80
C PRO A 100 6.60 -16.99 -13.76
N LEU A 101 5.93 -17.03 -12.60
CA LEU A 101 4.70 -16.30 -12.39
C LEU A 101 4.93 -14.80 -12.55
N LEU A 102 4.14 -14.17 -13.43
CA LEU A 102 4.23 -12.73 -13.64
C LEU A 102 2.85 -12.15 -13.41
N LEU A 103 2.77 -11.08 -12.61
CA LEU A 103 1.50 -10.40 -12.50
C LEU A 103 1.60 -9.13 -13.33
N ILE A 104 0.56 -8.86 -14.13
CA ILE A 104 0.55 -7.69 -15.00
C ILE A 104 -0.37 -6.66 -14.39
N VAL A 105 0.21 -5.53 -13.99
CA VAL A 105 -0.56 -4.50 -13.30
C VAL A 105 -0.40 -3.16 -14.01
N GLU A 106 -1.29 -2.22 -13.62
CA GLU A 106 -1.29 -0.83 -14.03
C GLU A 106 0.07 -0.18 -13.79
N TYR A 107 0.55 0.56 -14.80
CA TYR A 107 1.80 1.30 -14.70
C TYR A 107 1.50 2.71 -14.20
N ALA A 108 2.27 3.17 -13.19
CA ALA A 108 2.16 4.52 -12.64
C ALA A 108 3.41 5.31 -13.02
N LYS A 109 3.27 6.32 -13.89
CA LYS A 109 4.43 6.93 -14.53
C LYS A 109 5.32 7.71 -13.57
N TYR A 110 4.79 8.16 -12.42
CA TYR A 110 5.62 8.89 -11.47
C TYR A 110 6.30 8.00 -10.42
N GLY A 111 6.04 6.70 -10.41
CA GLY A 111 6.74 5.85 -9.47
C GLY A 111 6.16 6.00 -8.07
N SER A 112 6.95 5.72 -7.01
CA SER A 112 6.39 5.69 -5.67
C SER A 112 6.11 7.11 -5.14
N LEU A 113 5.10 7.23 -4.28
CA LEU A 113 4.80 8.50 -3.62
C LEU A 113 6.01 9.01 -2.85
N ARG A 114 6.74 8.11 -2.17
CA ARG A 114 7.90 8.55 -1.42
C ARG A 114 8.88 9.25 -2.36
N GLY A 115 9.20 8.61 -3.49
CA GLY A 115 10.20 9.18 -4.39
C GLY A 115 9.70 10.48 -5.03
N PHE A 116 8.40 10.51 -5.29
CA PHE A 116 7.75 11.67 -5.89
C PHE A 116 7.88 12.87 -4.95
N LEU A 117 7.55 12.69 -3.66
CA LEU A 117 7.64 13.72 -2.64
C LEU A 117 9.09 14.18 -2.45
N ARG A 118 10.04 13.24 -2.35
CA ARG A 118 11.41 13.62 -2.06
C ARG A 118 12.02 14.41 -3.23
N GLU A 119 11.54 14.19 -4.46
CA GLU A 119 12.03 14.94 -5.61
C GLU A 119 11.42 16.34 -5.65
N SER A 120 10.41 16.59 -4.81
N SER A 120 10.40 16.58 -4.82
CA SER A 120 9.66 17.82 -4.86
CA SER A 120 9.63 17.80 -4.84
C SER A 120 10.16 18.80 -3.79
C SER A 120 10.04 18.73 -3.71
N ARG A 121 9.46 19.94 -3.71
CA ARG A 121 9.51 20.87 -2.59
C ARG A 121 8.24 21.74 -2.58
N LYS A 122 7.93 22.29 -1.41
CA LYS A 122 6.65 22.99 -1.17
C LYS A 122 6.70 24.49 -1.47
N VAL A 123 5.72 24.95 -2.24
CA VAL A 123 5.52 26.37 -2.51
C VAL A 123 4.24 26.84 -1.81
N GLU A 144 12.49 20.45 -6.86
CA GLU A 144 12.26 20.38 -8.32
C GLU A 144 10.78 20.68 -8.63
N ARG A 145 9.90 19.75 -8.30
CA ARG A 145 8.45 19.88 -8.49
C ARG A 145 7.89 20.77 -7.38
N ALA A 146 6.85 21.50 -7.66
CA ALA A 146 6.28 22.45 -6.70
C ALA A 146 4.92 21.96 -6.19
N LEU A 147 4.84 21.67 -4.88
CA LEU A 147 3.60 21.15 -4.33
C LEU A 147 3.05 22.11 -3.28
N THR A 148 1.73 22.27 -3.24
CA THR A 148 1.08 23.06 -2.22
C THR A 148 0.55 22.13 -1.13
N MET A 149 0.18 22.69 0.02
CA MET A 149 -0.46 21.92 1.07
C MET A 149 -1.78 21.34 0.56
N GLY A 150 -2.47 22.10 -0.32
CA GLY A 150 -3.63 21.60 -1.02
C GLY A 150 -3.33 20.29 -1.76
N ASP A 151 -2.24 20.26 -2.52
CA ASP A 151 -1.83 19.05 -3.21
C ASP A 151 -1.61 17.93 -2.19
N LEU A 152 -0.87 18.24 -1.11
CA LEU A 152 -0.53 17.23 -0.11
C LEU A 152 -1.81 16.65 0.52
N ILE A 153 -2.78 17.52 0.83
CA ILE A 153 -4.05 17.12 1.39
C ILE A 153 -4.83 16.24 0.42
N SER A 154 -4.81 16.64 -0.86
CA SER A 154 -5.41 15.90 -1.94
C SER A 154 -4.87 14.47 -2.00
N PHE A 155 -3.54 14.34 -1.95
CA PHE A 155 -2.91 13.01 -2.00
C PHE A 155 -3.46 12.15 -0.85
N ALA A 156 -3.46 12.69 0.37
CA ALA A 156 -3.89 11.91 1.52
C ALA A 156 -5.35 11.50 1.40
N TRP A 157 -6.19 12.43 0.90
CA TRP A 157 -7.61 12.19 0.75
C TRP A 157 -7.85 11.04 -0.23
N GLN A 158 -7.16 11.04 -1.37
CA GLN A 158 -7.35 9.98 -2.34
C GLN A 158 -7.00 8.62 -1.71
N ILE A 159 -5.90 8.60 -0.96
CA ILE A 159 -5.48 7.35 -0.31
C ILE A 159 -6.54 6.93 0.70
N SER A 160 -7.09 7.90 1.44
CA SER A 160 -8.09 7.58 2.44
C SER A 160 -9.35 6.99 1.79
N GLN A 161 -9.75 7.55 0.63
CA GLN A 161 -10.88 7.04 -0.17
CA GLN A 161 -10.90 7.03 -0.11
C GLN A 161 -10.63 5.58 -0.53
N GLY A 162 -9.43 5.31 -1.05
CA GLY A 162 -9.11 3.93 -1.42
C GLY A 162 -9.19 2.99 -0.22
N MET A 163 -8.69 3.45 0.93
CA MET A 163 -8.63 2.60 2.11
C MET A 163 -10.05 2.33 2.63
N GLN A 164 -10.95 3.33 2.54
CA GLN A 164 -12.33 3.17 2.96
C GLN A 164 -12.95 2.03 2.17
N TYR A 165 -12.70 2.01 0.86
CA TYR A 165 -13.14 0.95 -0.04
C TYR A 165 -12.59 -0.41 0.38
N LEU A 166 -11.27 -0.49 0.66
CA LEU A 166 -10.72 -1.79 1.03
C LEU A 166 -11.29 -2.23 2.37
N ALA A 167 -11.43 -1.28 3.31
CA ALA A 167 -11.95 -1.62 4.63
C ALA A 167 -13.38 -2.17 4.49
N GLU A 168 -14.19 -1.55 3.61
CA GLU A 168 -15.54 -2.03 3.32
C GLU A 168 -15.51 -3.44 2.74
N MET A 169 -14.45 -3.78 2.00
N MET A 169 -14.39 -3.75 2.08
CA MET A 169 -14.34 -5.12 1.43
CA MET A 169 -14.28 -5.09 1.51
C MET A 169 -13.79 -6.10 2.47
C MET A 169 -13.73 -6.08 2.55
N LYS A 170 -13.60 -5.64 3.71
CA LYS A 170 -13.04 -6.49 4.76
C LYS A 170 -11.63 -6.97 4.40
N LEU A 171 -10.84 -6.04 3.86
CA LEU A 171 -9.41 -6.30 3.64
C LEU A 171 -8.60 -5.37 4.52
N VAL A 172 -7.55 -5.94 5.13
N VAL A 172 -7.59 -5.94 5.21
CA VAL A 172 -6.58 -5.16 5.88
CA VAL A 172 -6.58 -5.13 5.86
C VAL A 172 -5.28 -5.19 5.07
C VAL A 172 -5.32 -5.18 5.00
N HIS A 173 -4.76 -4.00 4.73
CA HIS A 173 -3.62 -3.86 3.83
C HIS A 173 -2.33 -4.29 4.53
N ARG A 174 -2.15 -3.78 5.76
CA ARG A 174 -1.08 -4.13 6.69
C ARG A 174 0.20 -3.36 6.38
N ASP A 175 0.40 -2.95 5.12
CA ASP A 175 1.71 -2.40 4.77
C ASP A 175 1.59 -0.99 4.16
N LEU A 176 0.71 -0.15 4.71
CA LEU A 176 0.52 1.19 4.15
C LEU A 176 1.74 2.06 4.48
N ALA A 177 2.32 2.69 3.44
CA ALA A 177 3.50 3.54 3.61
C ALA A 177 3.69 4.29 2.31
N ALA A 178 4.38 5.45 2.31
CA ALA A 178 4.58 6.19 1.06
C ALA A 178 5.33 5.38 -0.03
N ARG A 179 6.11 4.39 0.38
CA ARG A 179 6.85 3.59 -0.62
C ARG A 179 5.91 2.59 -1.30
N ASN A 180 4.71 2.42 -0.76
CA ASN A 180 3.75 1.44 -1.26
C ASN A 180 2.57 2.14 -1.92
N ILE A 181 2.67 3.46 -2.06
CA ILE A 181 1.66 4.19 -2.82
C ILE A 181 2.34 4.60 -4.13
N LEU A 182 1.64 4.44 -5.25
CA LEU A 182 2.20 4.86 -6.52
C LEU A 182 1.46 6.10 -7.02
N VAL A 183 2.13 6.85 -7.91
CA VAL A 183 1.59 8.10 -8.42
C VAL A 183 1.45 7.96 -9.93
N ALA A 184 0.20 7.93 -10.42
CA ALA A 184 -0.11 7.72 -11.82
C ALA A 184 -0.36 9.05 -12.53
N GLU A 185 -0.53 8.99 -13.85
CA GLU A 185 -0.82 10.17 -14.67
C GLU A 185 -1.91 10.99 -13.99
N GLY A 186 -1.69 12.32 -13.98
CA GLY A 186 -2.59 13.27 -13.34
C GLY A 186 -2.36 13.36 -11.83
N ARG A 187 -1.21 12.85 -11.36
CA ARG A 187 -0.90 12.75 -9.95
C ARG A 187 -2.00 12.02 -9.19
N LYS A 188 -2.46 10.87 -9.70
CA LYS A 188 -3.49 10.15 -8.99
C LYS A 188 -2.83 9.09 -8.13
N MET A 189 -3.26 8.97 -6.87
CA MET A 189 -2.67 7.97 -5.97
C MET A 189 -3.24 6.60 -6.31
N LYS A 190 -2.37 5.58 -6.21
CA LYS A 190 -2.77 4.19 -6.36
C LYS A 190 -2.16 3.40 -5.20
N ILE A 191 -3.00 2.86 -4.31
CA ILE A 191 -2.50 1.96 -3.28
C ILE A 191 -2.02 0.69 -3.96
N SER A 192 -0.83 0.23 -3.55
N SER A 192 -0.84 0.20 -3.57
CA SER A 192 -0.18 -0.87 -4.21
CA SER A 192 -0.35 -1.00 -4.21
C SER A 192 0.41 -1.84 -3.17
C SER A 192 0.28 -1.93 -3.17
N ASP A 193 1.01 -2.94 -3.67
CA ASP A 193 1.74 -3.89 -2.83
C ASP A 193 0.77 -4.59 -1.87
N PHE A 194 0.01 -5.53 -2.42
CA PHE A 194 -1.01 -6.22 -1.66
C PHE A 194 -0.48 -7.57 -1.18
N GLY A 195 0.84 -7.79 -1.22
CA GLY A 195 1.36 -9.12 -0.89
C GLY A 195 1.13 -9.49 0.59
N LEU A 196 0.97 -8.48 1.46
CA LEU A 196 0.81 -8.71 2.89
C LEU A 196 -0.64 -8.53 3.35
N SER A 197 -1.54 -8.16 2.42
CA SER A 197 -2.95 -7.90 2.70
C SER A 197 -3.68 -9.19 3.06
N ARG A 198 -4.69 -9.09 3.92
CA ARG A 198 -5.35 -10.28 4.43
C ARG A 198 -6.85 -10.01 4.55
N ASP A 199 -7.65 -11.07 4.33
CA ASP A 199 -9.10 -10.98 4.47
C ASP A 199 -9.49 -11.01 5.95
N VAL A 200 -10.36 -10.10 6.40
CA VAL A 200 -10.85 -10.20 7.77
C VAL A 200 -12.39 -10.32 7.78
N PTR A 201 -12.99 -10.98 6.80
CA PTR A 201 -14.47 -11.05 6.80
C PTR A 201 -15.01 -11.70 8.08
O PTR A 201 -15.89 -11.12 8.70
CB PTR A 201 -15.00 -11.77 5.57
CG PTR A 201 -16.50 -11.77 5.53
CD1 PTR A 201 -17.20 -10.63 5.22
CD2 PTR A 201 -17.22 -12.91 5.84
CE1 PTR A 201 -18.58 -10.59 5.20
CE2 PTR A 201 -18.59 -12.92 5.82
CZ PTR A 201 -19.28 -11.76 5.50
OH PTR A 201 -20.68 -11.76 5.51
P PTR A 201 -21.56 -11.99 6.80
O1P PTR A 201 -21.30 -13.38 7.30
O2P PTR A 201 -23.01 -11.85 6.44
O3P PTR A 201 -21.20 -10.99 7.86
N GLU A 202 -14.49 -12.86 8.44
CA GLU A 202 -15.01 -13.62 9.62
C GLU A 202 -14.80 -12.92 10.96
N GLU A 203 -13.56 -12.50 11.27
CA GLU A 203 -13.31 -12.02 12.65
C GLU A 203 -12.96 -10.55 12.79
N ASP A 204 -12.88 -9.83 11.66
CA ASP A 204 -12.52 -8.39 11.66
C ASP A 204 -11.11 -8.21 12.23
N SER A 205 -10.33 -9.28 12.28
CA SER A 205 -8.94 -9.14 12.74
C SER A 205 -8.11 -10.22 12.09
N PTR A 206 -6.84 -9.92 11.86
CA PTR A 206 -5.90 -10.90 11.32
C PTR A 206 -4.78 -11.01 12.35
O PTR A 206 -4.19 -10.01 12.65
CB PTR A 206 -5.42 -10.52 9.92
CG PTR A 206 -4.25 -11.35 9.51
CD1 PTR A 206 -4.40 -12.60 8.95
CD2 PTR A 206 -2.97 -10.88 9.72
CE1 PTR A 206 -3.32 -13.36 8.59
CE2 PTR A 206 -1.86 -11.61 9.36
CZ PTR A 206 -2.06 -12.85 8.82
OH PTR A 206 -0.95 -13.57 8.46
P PTR A 206 -0.98 -15.06 8.01
O1P PTR A 206 0.44 -15.51 7.89
O2P PTR A 206 -1.72 -15.88 9.03
O3P PTR A 206 -1.67 -15.13 6.68
N VAL A 207 -4.54 -12.22 12.82
CA VAL A 207 -3.55 -12.50 13.89
C VAL A 207 -2.62 -13.60 13.42
N LYS A 208 -1.34 -13.41 13.67
CA LYS A 208 -0.25 -14.27 13.21
C LYS A 208 0.63 -14.57 14.42
N ARG A 209 0.90 -15.84 14.64
CA ARG A 209 1.79 -16.24 15.73
C ARG A 209 3.22 -15.77 15.44
N SER A 210 3.67 -15.86 14.19
CA SER A 210 5.07 -15.56 13.89
C SER A 210 5.26 -14.03 13.78
N GLN A 211 6.53 -13.60 13.77
CA GLN A 211 6.91 -12.21 13.61
C GLN A 211 6.57 -11.72 12.20
N GLY A 212 6.03 -10.51 12.11
CA GLY A 212 5.60 -9.98 10.83
C GLY A 212 6.76 -9.41 10.03
N ARG A 213 6.49 -9.09 8.75
CA ARG A 213 7.51 -8.56 7.86
C ARG A 213 7.20 -7.11 7.53
N ILE A 214 6.31 -6.45 8.27
CA ILE A 214 6.05 -5.03 8.02
C ILE A 214 7.10 -4.26 8.81
N PRO A 215 7.73 -3.20 8.23
CA PRO A 215 8.65 -2.35 9.00
C PRO A 215 8.03 -1.86 10.31
N VAL A 216 8.79 -2.05 11.40
CA VAL A 216 8.42 -1.70 12.76
C VAL A 216 7.85 -0.28 12.85
N LYS A 217 8.46 0.68 12.16
CA LYS A 217 8.12 2.08 12.38
C LYS A 217 6.76 2.47 11.77
N TRP A 218 6.12 1.56 11.01
CA TRP A 218 4.79 1.81 10.47
C TRP A 218 3.71 1.02 11.20
N MET A 219 4.10 0.18 12.18
CA MET A 219 3.13 -0.74 12.78
C MET A 219 2.41 -0.12 13.98
N ALA A 220 1.13 -0.44 14.15
CA ALA A 220 0.37 0.00 15.31
C ALA A 220 0.93 -0.70 16.54
N ILE A 221 0.77 -0.08 17.70
CA ILE A 221 1.27 -0.61 18.96
C ILE A 221 0.75 -2.03 19.21
N GLU A 222 -0.54 -2.29 18.96
CA GLU A 222 -1.07 -3.62 19.17
C GLU A 222 -0.60 -4.64 18.14
N SER A 223 -0.17 -4.19 16.95
CA SER A 223 0.42 -5.12 16.00
C SER A 223 1.82 -5.49 16.48
N LEU A 224 2.58 -4.49 16.95
CA LEU A 224 3.96 -4.71 17.37
C LEU A 224 4.00 -5.66 18.56
N PHE A 225 3.14 -5.40 19.56
CA PHE A 225 3.16 -6.18 20.79
C PHE A 225 2.31 -7.46 20.70
N ASP A 226 1.11 -7.39 20.10
CA ASP A 226 0.18 -8.51 20.23
C ASP A 226 -0.08 -9.24 18.91
N HIS A 227 0.52 -8.76 17.81
CA HIS A 227 0.39 -9.36 16.49
C HIS A 227 -1.06 -9.31 15.98
N ILE A 228 -1.80 -8.26 16.33
CA ILE A 228 -3.19 -8.13 15.87
C ILE A 228 -3.24 -7.07 14.78
N TYR A 229 -3.88 -7.41 13.65
CA TYR A 229 -4.02 -6.43 12.57
C TYR A 229 -5.49 -6.27 12.22
N THR A 230 -5.94 -5.02 12.19
CA THR A 230 -7.31 -4.73 11.85
C THR A 230 -7.33 -3.49 10.95
N THR A 231 -8.54 -3.08 10.56
CA THR A 231 -8.63 -1.81 9.86
C THR A 231 -8.08 -0.69 10.74
N GLN A 232 -8.17 -0.80 12.07
N GLN A 232 -8.19 -0.87 12.07
CA GLN A 232 -7.71 0.34 12.85
CA GLN A 232 -7.75 0.13 13.04
C GLN A 232 -6.18 0.32 12.99
C GLN A 232 -6.24 0.28 12.98
N SER A 233 -5.52 -0.82 12.75
CA SER A 233 -4.07 -0.72 12.63
C SER A 233 -3.68 -0.15 11.26
N ASP A 234 -4.51 -0.37 10.23
CA ASP A 234 -4.29 0.32 8.96
C ASP A 234 -4.37 1.83 9.16
N VAL A 235 -5.31 2.26 10.02
CA VAL A 235 -5.45 3.67 10.36
C VAL A 235 -4.17 4.22 11.01
N TRP A 236 -3.57 3.49 11.95
CA TRP A 236 -2.29 3.90 12.52
C TRP A 236 -1.24 4.08 11.42
N SER A 237 -1.13 3.11 10.50
CA SER A 237 -0.15 3.21 9.43
C SER A 237 -0.43 4.42 8.56
N PHE A 238 -1.71 4.66 8.29
CA PHE A 238 -2.09 5.86 7.56
C PHE A 238 -1.57 7.12 8.25
N GLY A 239 -1.61 7.17 9.60
CA GLY A 239 -1.06 8.32 10.29
C GLY A 239 0.44 8.49 10.03
N VAL A 240 1.18 7.37 10.01
CA VAL A 240 2.60 7.49 9.66
C VAL A 240 2.71 7.97 8.21
N LEU A 241 1.87 7.39 7.33
CA LEU A 241 1.89 7.83 5.94
C LEU A 241 1.58 9.34 5.87
N LEU A 242 0.64 9.80 6.67
CA LEU A 242 0.26 11.23 6.64
C LEU A 242 1.51 12.05 6.98
N TRP A 243 2.25 11.60 7.97
CA TRP A 243 3.48 12.27 8.39
C TRP A 243 4.50 12.29 7.26
N GLU A 244 4.63 11.18 6.51
CA GLU A 244 5.56 11.11 5.40
C GLU A 244 5.17 12.12 4.31
N ILE A 245 3.87 12.27 4.07
CA ILE A 245 3.34 13.18 3.07
C ILE A 245 3.68 14.61 3.47
N VAL A 246 3.35 14.95 4.72
CA VAL A 246 3.51 16.30 5.24
C VAL A 246 4.99 16.69 5.26
N THR A 247 5.89 15.70 5.43
CA THR A 247 7.31 16.02 5.52
C THR A 247 7.99 15.86 4.16
N LEU A 248 7.21 15.72 3.08
CA LEU A 248 7.73 15.46 1.74
C LEU A 248 8.69 14.26 1.74
N GLY A 249 8.24 13.17 2.36
CA GLY A 249 8.98 11.92 2.33
C GLY A 249 10.06 11.85 3.39
N GLY A 250 9.79 12.37 4.59
CA GLY A 250 10.67 12.18 5.73
C GLY A 250 10.77 10.71 6.17
N ASN A 251 11.79 10.41 6.99
CA ASN A 251 11.98 9.09 7.58
C ASN A 251 11.36 9.06 8.97
N PRO A 252 10.29 8.27 9.24
CA PRO A 252 9.66 8.26 10.57
C PRO A 252 10.63 8.00 11.72
N TYR A 253 10.35 8.60 12.88
CA TYR A 253 11.18 8.41 14.06
C TYR A 253 12.66 8.54 13.68
N PRO A 254 13.06 9.65 13.03
CA PRO A 254 14.41 9.77 12.48
C PRO A 254 15.46 9.65 13.58
N GLY A 255 16.48 8.83 13.31
CA GLY A 255 17.57 8.63 14.25
C GLY A 255 17.21 7.68 15.40
N ILE A 256 15.98 7.15 15.43
CA ILE A 256 15.63 6.24 16.51
C ILE A 256 15.68 4.81 16.00
N PRO A 257 16.49 3.91 16.62
CA PRO A 257 16.57 2.53 16.17
C PRO A 257 15.22 1.84 16.36
N PRO A 258 14.82 0.95 15.44
CA PRO A 258 13.54 0.25 15.55
C PRO A 258 13.30 -0.49 16.86
N GLU A 259 14.33 -1.13 17.44
CA GLU A 259 14.14 -1.83 18.70
C GLU A 259 13.68 -0.89 19.83
N ARG A 260 13.87 0.42 19.66
CA ARG A 260 13.48 1.34 20.72
C ARG A 260 11.97 1.62 20.68
N LEU A 261 11.31 1.21 19.58
CA LEU A 261 9.91 1.59 19.40
C LEU A 261 8.97 0.91 20.41
N PHE A 262 9.29 -0.31 20.85
CA PHE A 262 8.47 -0.96 21.85
C PHE A 262 8.32 -0.04 23.07
N ASN A 263 9.45 0.40 23.65
CA ASN A 263 9.41 1.17 24.88
C ASN A 263 8.81 2.55 24.63
N LEU A 264 9.23 3.20 23.54
CA LEU A 264 8.81 4.53 23.15
C LEU A 264 7.28 4.57 23.02
N LEU A 265 6.71 3.64 22.24
CA LEU A 265 5.28 3.65 22.04
C LEU A 265 4.55 3.32 23.34
N LYS A 266 4.98 2.29 24.07
CA LYS A 266 4.21 1.87 25.26
C LYS A 266 4.24 2.96 26.34
N THR A 267 5.28 3.83 26.32
CA THR A 267 5.31 4.90 27.32
C THR A 267 4.61 6.13 26.77
N GLY A 268 3.86 5.99 25.67
CA GLY A 268 2.97 7.04 25.21
C GLY A 268 3.64 8.09 24.33
N HIS A 269 4.91 7.90 23.94
CA HIS A 269 5.53 8.86 23.04
C HIS A 269 5.07 8.63 21.59
N ARG A 270 5.04 9.74 20.83
CA ARG A 270 4.67 9.76 19.43
C ARG A 270 5.60 10.76 18.74
N MET A 271 5.64 10.75 17.41
CA MET A 271 6.42 11.74 16.70
C MET A 271 5.85 13.13 16.97
N GLU A 272 6.71 14.15 17.08
CA GLU A 272 6.30 15.52 17.34
C GLU A 272 5.75 16.16 16.06
N ARG A 273 5.02 17.26 16.23
CA ARG A 273 4.53 18.01 15.08
C ARG A 273 5.72 18.45 14.23
N PRO A 274 5.76 18.06 12.93
CA PRO A 274 6.86 18.48 12.07
C PRO A 274 6.62 19.91 11.59
N ASP A 275 7.65 20.52 10.97
CA ASP A 275 7.51 21.82 10.35
C ASP A 275 6.49 21.77 9.21
N ASN A 276 5.93 22.94 8.87
CA ASN A 276 5.00 23.10 7.77
C ASN A 276 3.82 22.15 7.93
N CYS A 277 3.32 22.04 9.16
CA CYS A 277 2.18 21.20 9.50
C CYS A 277 1.26 22.01 10.40
N SER A 278 -0.02 22.11 10.00
CA SER A 278 -1.05 22.81 10.76
C SER A 278 -1.37 22.01 12.02
N GLU A 279 -2.00 22.68 12.99
CA GLU A 279 -2.39 22.05 14.24
C GLU A 279 -3.51 21.04 13.98
N GLU A 280 -4.36 21.32 12.98
CA GLU A 280 -5.45 20.44 12.62
C GLU A 280 -4.90 19.15 12.00
N MET A 281 -3.90 19.28 11.12
CA MET A 281 -3.29 18.14 10.45
C MET A 281 -2.58 17.25 11.47
N TYR A 282 -1.87 17.89 12.40
CA TYR A 282 -1.12 17.16 13.40
C TYR A 282 -2.07 16.44 14.35
N ARG A 283 -3.20 17.08 14.66
CA ARG A 283 -4.22 16.47 15.49
C ARG A 283 -4.75 15.20 14.84
N LEU A 284 -4.88 15.22 13.50
CA LEU A 284 -5.39 14.06 12.81
C LEU A 284 -4.37 12.93 12.93
N MET A 285 -3.07 13.24 12.79
CA MET A 285 -2.04 12.22 12.91
C MET A 285 -2.10 11.60 14.30
N LEU A 286 -2.16 12.44 15.35
CA LEU A 286 -2.14 11.93 16.71
C LEU A 286 -3.36 11.04 16.91
N GLN A 287 -4.49 11.43 16.31
CA GLN A 287 -5.67 10.62 16.50
C GLN A 287 -5.47 9.22 15.88
N CYS A 288 -4.80 9.17 14.73
CA CYS A 288 -4.51 7.88 14.11
C CYS A 288 -3.64 7.01 15.02
N TRP A 289 -2.85 7.65 15.91
CA TRP A 289 -1.90 6.90 16.73
C TRP A 289 -2.36 6.71 18.18
N LYS A 290 -3.67 6.81 18.46
CA LYS A 290 -4.15 6.56 19.81
C LYS A 290 -3.87 5.12 20.23
N GLN A 291 -3.45 4.94 21.49
CA GLN A 291 -3.18 3.63 22.04
C GLN A 291 -4.38 2.71 21.81
N GLU A 292 -5.59 3.22 22.06
CA GLU A 292 -6.79 2.40 21.97
C GLU A 292 -7.31 2.43 20.55
N PRO A 293 -7.37 1.28 19.84
CA PRO A 293 -7.73 1.27 18.42
C PRO A 293 -9.12 1.83 18.20
N ASP A 294 -10.00 1.67 19.21
CA ASP A 294 -11.38 2.13 19.07
C ASP A 294 -11.50 3.65 19.13
N LYS A 295 -10.47 4.32 19.66
N LYS A 295 -10.46 4.32 19.66
CA LYS A 295 -10.52 5.77 19.73
CA LYS A 295 -10.50 5.77 19.73
C LYS A 295 -9.97 6.40 18.45
C LYS A 295 -9.90 6.41 18.47
N ARG A 296 -9.37 5.58 17.56
CA ARG A 296 -8.83 6.11 16.31
C ARG A 296 -10.00 6.41 15.35
N PRO A 297 -9.85 7.38 14.41
CA PRO A 297 -10.92 7.67 13.45
C PRO A 297 -11.00 6.52 12.47
N VAL A 298 -12.16 6.34 11.82
CA VAL A 298 -12.28 5.39 10.71
C VAL A 298 -11.97 6.15 9.42
N PHE A 299 -11.70 5.44 8.32
CA PHE A 299 -11.26 6.10 7.10
C PHE A 299 -12.28 7.12 6.59
N ALA A 300 -13.56 6.80 6.77
CA ALA A 300 -14.67 7.70 6.48
C ALA A 300 -14.44 9.04 7.17
N ASP A 301 -14.12 9.01 8.47
CA ASP A 301 -13.86 10.21 9.26
C ASP A 301 -12.60 10.91 8.77
N ILE A 302 -11.55 10.13 8.48
CA ILE A 302 -10.33 10.69 7.94
C ILE A 302 -10.62 11.47 6.67
N SER A 303 -11.41 10.87 5.78
CA SER A 303 -11.70 11.56 4.53
C SER A 303 -12.43 12.89 4.83
N LYS A 304 -13.41 12.85 5.74
CA LYS A 304 -14.17 14.06 6.06
C LYS A 304 -13.26 15.14 6.66
N ASP A 305 -12.29 14.76 7.50
CA ASP A 305 -11.38 15.73 8.11
C ASP A 305 -10.50 16.38 7.05
N LEU A 306 -10.06 15.58 6.07
CA LEU A 306 -9.15 16.10 5.05
C LEU A 306 -9.89 17.03 4.09
N GLU A 307 -11.12 16.66 3.70
CA GLU A 307 -11.90 17.47 2.78
C GLU A 307 -12.18 18.82 3.44
N LYS A 308 -12.38 18.79 4.75
CA LYS A 308 -12.63 20.00 5.52
C LYS A 308 -11.41 20.92 5.49
N MET A 309 -10.20 20.37 5.72
CA MET A 309 -9.02 21.21 5.65
C MET A 309 -8.83 21.75 4.23
N MET A 310 -9.21 20.96 3.24
CA MET A 310 -9.03 21.39 1.83
C MET A 310 -9.84 22.65 1.55
N VAL A 311 -11.11 22.64 1.92
CA VAL A 311 -12.04 23.75 1.62
C VAL A 311 -11.74 24.97 2.49
N LYS A 312 -11.27 24.77 3.72
CA LYS A 312 -10.98 25.89 4.64
C LYS A 312 -9.77 26.72 4.16
N ARG A 313 -8.87 26.11 3.40
CA ARG A 313 -7.65 26.78 2.89
C ARG A 313 -7.98 27.76 1.76
N ARG A 314 -8.97 27.45 0.94
CA ARG A 314 -9.28 28.33 -0.22
C ARG A 314 -9.51 29.77 0.24
N9 ADE B . 7.15 1.14 -9.29
C8 ADE B . 6.76 0.02 -8.60
N7 ADE B . 5.64 -0.49 -9.04
C5 ADE B . 5.26 0.34 -10.07
C6 ADE B . 4.15 0.33 -10.93
N6 ADE B . 3.18 -0.56 -10.86
N1 ADE B . 4.08 1.32 -11.84
C2 ADE B . 5.05 2.22 -11.89
N3 ADE B . 6.14 2.33 -11.14
C4 ADE B . 6.19 1.35 -10.24
C FMT C . 3.88 -25.84 2.41
O1 FMT C . 3.51 -24.78 2.84
O2 FMT C . 3.41 -26.41 1.37
C FMT D . 3.93 -10.85 7.44
O1 FMT D . 2.87 -11.23 7.04
O2 FMT D . 4.05 -9.88 8.22
#